data_1AU1
#
_entry.id   1AU1
#
_cell.length_a   55.300
_cell.length_b   65.900
_cell.length_c   121.500
_cell.angle_alpha   90.00
_cell.angle_beta   90.00
_cell.angle_gamma   90.00
#
_symmetry.space_group_name_H-M   'P 21 21 21'
#
loop_
_entity.id
_entity.type
_entity.pdbx_description
1 polymer INTERFERON-BETA
2 branched beta-D-glucopyranose-(1-4)-beta-D-glucopyranose-(1-2)-beta-D-glucopyranose-(1-3)-beta-D-glucopyranose-(1-4)-beta-D-glucopyranose-(1-4)-[alpha-D-quinovopyranose-(1-6)]beta-D-glucopyranose
3 branched alpha-D-quinovopyranose-(1-6)-beta-D-glucopyranose
4 non-polymer 'ZINC ION'
5 water water
#
_entity_poly.entity_id   1
_entity_poly.type   'polypeptide(L)'
_entity_poly.pdbx_seq_one_letter_code
;MSYNLLGFLQRSSNFQCQKLLWQLNGRLEYCLKDRMNFDIPEEIKQLQQFQKEDAALTIYEMLQNIFAIFRQDSSSTGWN
ETIVENLLANVYHQINHLKTVLEEKLEKEDFTRGKLMSSLHLKRYYGRILHYLKAKEYSHCAWTIVRVEILRNFYFINRL
TGYLRN
;
_entity_poly.pdbx_strand_id   A,B
#
loop_
_chem_comp.id
_chem_comp.type
_chem_comp.name
_chem_comp.formula
BGC D-saccharide, beta linking beta-D-glucopyranose 'C6 H12 O6'
G6D D-saccharide, alpha linking alpha-D-quinovopyranose 'C6 H12 O5'
ZN non-polymer 'ZINC ION' 'Zn 2'
#
# COMPACT_ATOMS: atom_id res chain seq x y z
N MET A 1 -14.81 -27.76 -3.69
CA MET A 1 -14.37 -27.68 -2.28
C MET A 1 -14.83 -26.34 -1.76
N SER A 2 -15.37 -26.33 -0.56
CA SER A 2 -15.85 -25.10 0.02
C SER A 2 -14.66 -24.33 0.55
N TYR A 3 -14.87 -23.04 0.83
CA TYR A 3 -13.78 -22.25 1.33
C TYR A 3 -13.36 -22.75 2.67
N ASN A 4 -14.33 -23.24 3.44
CA ASN A 4 -14.07 -23.78 4.78
C ASN A 4 -13.05 -24.93 4.78
N LEU A 5 -13.13 -25.79 3.78
CA LEU A 5 -12.20 -26.92 3.68
C LEU A 5 -10.82 -26.41 3.28
N LEU A 6 -10.78 -25.45 2.36
CA LEU A 6 -9.51 -24.89 1.93
C LEU A 6 -8.85 -24.18 3.11
N GLY A 7 -9.62 -23.40 3.84
CA GLY A 7 -9.11 -22.67 4.99
C GLY A 7 -8.52 -23.58 6.07
N PHE A 8 -9.18 -24.70 6.33
CA PHE A 8 -8.69 -25.66 7.31
C PHE A 8 -7.42 -26.32 6.78
N LEU A 9 -7.41 -26.63 5.50
CA LEU A 9 -6.26 -27.26 4.85
C LEU A 9 -5.05 -26.32 4.86
N GLN A 10 -5.34 -25.03 4.85
CA GLN A 10 -4.34 -23.97 4.93
C GLN A 10 -3.79 -23.88 6.34
N ARG A 11 -4.65 -23.65 7.34
CA ARG A 11 -4.22 -23.55 8.74
C ARG A 11 -3.34 -24.72 9.08
N SER A 12 -3.76 -25.87 8.58
CA SER A 12 -3.09 -27.11 8.76
C SER A 12 -1.70 -27.16 8.12
N SER A 13 -1.56 -26.67 6.90
CA SER A 13 -0.25 -26.71 6.27
C SER A 13 0.66 -25.62 6.81
N ASN A 14 0.08 -24.49 7.17
CA ASN A 14 0.86 -23.40 7.72
C ASN A 14 1.54 -23.94 8.93
N PHE A 15 0.73 -24.49 9.81
CA PHE A 15 1.25 -25.03 11.02
C PHE A 15 2.36 -26.05 10.77
N GLN A 16 2.22 -26.84 9.72
CA GLN A 16 3.23 -27.84 9.38
C GLN A 16 4.50 -27.16 8.87
N CYS A 17 4.30 -26.13 8.06
CA CYS A 17 5.34 -25.33 7.46
C CYS A 17 6.08 -24.64 8.62
N GLN A 18 5.36 -24.03 9.55
CA GLN A 18 6.01 -23.37 10.67
C GLN A 18 6.80 -24.36 11.52
N LYS A 19 6.25 -25.55 11.68
CA LYS A 19 6.91 -26.58 12.46
C LYS A 19 8.29 -26.94 11.85
N LEU A 20 8.34 -27.07 10.53
CA LEU A 20 9.58 -27.42 9.83
C LEU A 20 10.62 -26.32 9.97
N LEU A 21 10.14 -25.10 9.91
CA LEU A 21 10.99 -23.95 10.05
C LEU A 21 11.64 -23.94 11.43
N TRP A 22 10.92 -24.45 12.41
CA TRP A 22 11.45 -24.47 13.76
C TRP A 22 12.39 -25.63 14.06
N GLN A 23 12.75 -26.40 13.04
CA GLN A 23 13.66 -27.55 13.24
C GLN A 23 14.95 -27.38 12.49
N LEU A 24 15.27 -26.14 12.14
CA LEU A 24 16.49 -25.86 11.38
C LEU A 24 17.65 -25.22 12.14
N ASN A 25 17.31 -24.39 13.13
CA ASN A 25 18.28 -23.56 13.84
C ASN A 25 18.57 -23.78 15.35
N GLY A 26 19.53 -23.00 15.85
CA GLY A 26 19.93 -22.91 17.26
C GLY A 26 20.27 -21.41 17.31
N ARG A 27 19.50 -20.60 18.05
CA ARG A 27 19.66 -19.14 18.06
C ARG A 27 21.04 -18.56 17.85
N LEU A 28 21.09 -17.58 16.93
CA LEU A 28 22.33 -16.89 16.60
C LEU A 28 22.27 -15.40 16.95
N GLU A 29 22.99 -15.02 18.00
CA GLU A 29 23.05 -13.65 18.47
C GLU A 29 23.93 -12.79 17.58
N TYR A 30 25.03 -13.39 17.13
CA TYR A 30 25.97 -12.72 16.26
C TYR A 30 25.27 -12.14 15.03
N CYS A 31 24.32 -12.90 14.48
CA CYS A 31 23.57 -12.50 13.30
C CYS A 31 22.66 -11.31 13.46
N LEU A 32 22.36 -10.91 14.69
CA LEU A 32 21.47 -9.78 14.90
C LEU A 32 22.01 -8.52 14.25
N LYS A 33 23.30 -8.53 13.92
CA LYS A 33 23.97 -7.42 13.26
C LYS A 33 23.44 -7.19 11.84
N ASP A 34 22.97 -8.27 11.20
CA ASP A 34 22.42 -8.23 9.82
C ASP A 34 20.92 -7.97 9.80
N ARG A 35 20.37 -7.70 10.97
CA ARG A 35 18.96 -7.45 11.15
C ARG A 35 18.52 -6.33 10.19
N MET A 36 17.39 -6.56 9.51
CA MET A 36 16.82 -5.60 8.58
C MET A 36 15.32 -5.70 8.47
N ASN A 37 14.64 -4.56 8.45
CA ASN A 37 13.19 -4.51 8.32
C ASN A 37 12.83 -4.57 6.86
N PHE A 38 12.05 -5.58 6.49
CA PHE A 38 11.63 -5.78 5.11
C PHE A 38 10.29 -5.17 4.81
N ASP A 39 9.64 -4.70 5.87
CA ASP A 39 8.32 -4.08 5.80
C ASP A 39 7.27 -4.80 4.98
N ILE A 40 6.65 -5.80 5.57
CA ILE A 40 5.63 -6.54 4.89
C ILE A 40 4.54 -5.49 4.63
N PRO A 41 3.90 -5.53 3.44
CA PRO A 41 2.87 -4.52 3.19
C PRO A 41 1.87 -4.43 4.31
N GLU A 42 1.61 -3.21 4.70
CA GLU A 42 0.70 -2.86 5.76
C GLU A 42 -0.71 -3.50 5.65
N GLU A 43 -1.20 -3.74 4.44
CA GLU A 43 -2.53 -4.31 4.29
C GLU A 43 -2.55 -5.79 4.68
N ILE A 44 -1.43 -6.46 4.52
CA ILE A 44 -1.35 -7.88 4.84
C ILE A 44 -1.54 -8.07 6.33
N LYS A 45 -1.18 -7.05 7.09
CA LYS A 45 -1.31 -7.13 8.52
C LYS A 45 -2.57 -6.44 9.07
N GLN A 46 -2.93 -5.31 8.48
CA GLN A 46 -4.05 -4.57 9.00
C GLN A 46 -5.33 -4.54 8.23
N LEU A 47 -5.34 -4.89 6.96
CA LEU A 47 -6.60 -4.81 6.23
C LEU A 47 -7.65 -5.71 6.88
N GLN A 48 -8.83 -5.12 7.18
CA GLN A 48 -9.95 -5.82 7.85
C GLN A 48 -10.99 -6.46 6.93
N GLN A 49 -11.10 -5.95 5.72
CA GLN A 49 -12.11 -6.45 4.78
C GLN A 49 -11.51 -7.20 3.62
N PHE A 50 -11.55 -8.53 3.71
CA PHE A 50 -11.01 -9.42 2.67
C PHE A 50 -12.14 -10.29 2.18
N GLN A 51 -12.44 -10.28 0.89
CA GLN A 51 -13.48 -11.16 0.36
C GLN A 51 -12.79 -12.52 0.24
N LYS A 52 -13.54 -13.60 0.24
CA LYS A 52 -12.94 -14.93 0.18
C LYS A 52 -11.93 -15.14 -0.95
N GLU A 53 -12.26 -14.65 -2.14
CA GLU A 53 -11.37 -14.78 -3.30
C GLU A 53 -10.07 -13.97 -3.20
N ASP A 54 -10.15 -12.79 -2.62
CA ASP A 54 -8.97 -11.91 -2.47
C ASP A 54 -7.98 -12.47 -1.45
N ALA A 55 -8.49 -12.85 -0.29
CA ALA A 55 -7.65 -13.47 0.75
C ALA A 55 -6.93 -14.68 0.10
N ALA A 56 -7.73 -15.52 -0.56
CA ALA A 56 -7.22 -16.69 -1.25
C ALA A 56 -6.13 -16.35 -2.27
N LEU A 57 -6.38 -15.40 -3.15
CA LEU A 57 -5.40 -15.01 -4.14
C LEU A 57 -4.15 -14.40 -3.50
N THR A 58 -4.33 -13.78 -2.34
CA THR A 58 -3.24 -13.17 -1.62
C THR A 58 -2.33 -14.25 -1.04
N ILE A 59 -2.92 -15.21 -0.33
CA ILE A 59 -2.14 -16.29 0.27
C ILE A 59 -1.40 -17.04 -0.83
N TYR A 60 -2.06 -17.23 -1.97
CA TYR A 60 -1.53 -17.92 -3.16
C TYR A 60 -0.22 -17.30 -3.64
N GLU A 61 -0.21 -15.97 -3.68
CA GLU A 61 0.95 -15.25 -4.11
C GLU A 61 2.04 -15.24 -3.06
N MET A 62 1.65 -15.17 -1.81
CA MET A 62 2.61 -15.18 -0.73
C MET A 62 3.33 -16.53 -0.78
N LEU A 63 2.57 -17.62 -0.84
CA LEU A 63 3.15 -18.96 -0.92
C LEU A 63 4.09 -19.10 -2.09
N GLN A 64 3.66 -18.66 -3.26
CA GLN A 64 4.49 -18.72 -4.46
C GLN A 64 5.88 -18.11 -4.16
N ASN A 65 5.86 -16.97 -3.51
CA ASN A 65 7.09 -16.29 -3.18
C ASN A 65 7.92 -16.92 -2.11
N ILE A 66 7.28 -17.42 -1.06
CA ILE A 66 8.01 -18.09 0.01
C ILE A 66 8.74 -19.30 -0.61
N PHE A 67 8.08 -19.97 -1.56
CA PHE A 67 8.68 -21.09 -2.27
C PHE A 67 9.95 -20.62 -2.96
N ALA A 68 9.84 -19.53 -3.70
CA ALA A 68 10.98 -18.96 -4.40
C ALA A 68 12.10 -18.49 -3.48
N ILE A 69 11.76 -18.00 -2.30
CA ILE A 69 12.80 -17.58 -1.39
C ILE A 69 13.60 -18.80 -0.98
N PHE A 70 12.89 -19.80 -0.48
CA PHE A 70 13.55 -21.00 -0.02
C PHE A 70 14.17 -21.85 -1.08
N ARG A 71 13.95 -21.49 -2.35
CA ARG A 71 14.54 -22.22 -3.47
C ARG A 71 15.98 -21.76 -3.65
N GLN A 72 16.39 -20.73 -2.89
CA GLN A 72 17.73 -20.20 -3.00
C GLN A 72 18.72 -21.07 -2.28
N ASP A 73 19.99 -20.70 -2.39
CA ASP A 73 21.05 -21.48 -1.75
C ASP A 73 21.19 -21.25 -0.26
N SER A 74 20.80 -22.27 0.51
CA SER A 74 20.91 -22.19 1.95
C SER A 74 22.11 -23.01 2.39
N SER A 75 22.91 -23.56 1.46
CA SER A 75 24.03 -24.40 1.89
C SER A 75 24.92 -23.82 2.98
N SER A 76 25.16 -22.51 2.95
CA SER A 76 26.01 -21.89 3.96
C SER A 76 25.48 -21.98 5.38
N THR A 77 24.21 -22.38 5.54
CA THR A 77 23.56 -22.45 6.86
C THR A 77 23.89 -23.73 7.58
N GLY A 78 24.02 -24.79 6.82
CA GLY A 78 24.30 -26.08 7.38
C GLY A 78 23.00 -26.74 7.82
N TRP A 79 21.88 -26.15 7.39
CA TRP A 79 20.56 -26.66 7.73
C TRP A 79 20.39 -28.04 7.16
N ASN A 80 19.59 -28.87 7.83
CA ASN A 80 19.35 -30.20 7.32
C ASN A 80 18.51 -29.99 6.07
N GLU A 81 19.13 -30.17 4.93
CA GLU A 81 18.46 -29.93 3.66
C GLU A 81 17.21 -30.77 3.43
N THR A 82 17.08 -31.86 4.17
CA THR A 82 15.91 -32.72 4.04
C THR A 82 14.72 -31.95 4.52
N ILE A 83 14.85 -31.31 5.67
CA ILE A 83 13.78 -30.52 6.24
C ILE A 83 13.40 -29.38 5.30
N VAL A 84 14.41 -28.82 4.66
CA VAL A 84 14.18 -27.73 3.72
C VAL A 84 13.31 -28.25 2.55
N GLU A 85 13.61 -29.45 2.10
CA GLU A 85 12.85 -30.07 1.01
C GLU A 85 11.40 -30.30 1.40
N ASN A 86 11.20 -30.70 2.65
CA ASN A 86 9.87 -30.96 3.20
C ASN A 86 9.14 -29.66 3.18
N LEU A 87 9.82 -28.61 3.63
CA LEU A 87 9.19 -27.32 3.66
C LEU A 87 8.74 -26.91 2.28
N LEU A 88 9.59 -27.15 1.29
CA LEU A 88 9.32 -26.79 -0.09
C LEU A 88 8.20 -27.61 -0.71
N ALA A 89 8.25 -28.92 -0.48
CA ALA A 89 7.25 -29.85 -1.01
C ALA A 89 5.89 -29.48 -0.44
N ASN A 90 5.88 -29.20 0.86
CA ASN A 90 4.67 -28.81 1.56
C ASN A 90 4.05 -27.54 0.94
N VAL A 91 4.82 -26.46 0.84
CA VAL A 91 4.35 -25.20 0.27
C VAL A 91 3.88 -25.41 -1.17
N TYR A 92 4.66 -26.17 -1.93
CA TYR A 92 4.34 -26.46 -3.33
C TYR A 92 2.94 -27.09 -3.44
N HIS A 93 2.65 -28.01 -2.53
CA HIS A 93 1.38 -28.67 -2.53
C HIS A 93 0.24 -27.70 -2.22
N GLN A 94 0.45 -26.81 -1.24
CA GLN A 94 -0.54 -25.76 -0.86
C GLN A 94 -0.79 -24.89 -2.09
N ILE A 95 0.28 -24.47 -2.76
CA ILE A 95 0.17 -23.65 -3.95
C ILE A 95 -0.69 -24.31 -5.02
N ASN A 96 -0.37 -25.55 -5.41
CA ASN A 96 -1.15 -26.24 -6.44
C ASN A 96 -2.56 -26.56 -6.00
N HIS A 97 -2.73 -26.68 -4.70
CA HIS A 97 -4.02 -26.96 -4.08
C HIS A 97 -4.92 -25.76 -4.19
N LEU A 98 -4.34 -24.60 -3.87
CA LEU A 98 -5.01 -23.31 -3.91
C LEU A 98 -5.34 -23.02 -5.36
N LYS A 99 -4.37 -23.27 -6.24
CA LYS A 99 -4.53 -23.03 -7.67
C LYS A 99 -5.80 -23.74 -8.22
N THR A 100 -5.92 -25.04 -7.98
CA THR A 100 -7.09 -25.77 -8.49
C THR A 100 -8.41 -25.20 -7.95
N VAL A 101 -8.45 -24.89 -6.67
CA VAL A 101 -9.67 -24.35 -6.07
C VAL A 101 -10.05 -22.97 -6.59
N LEU A 102 -9.06 -22.12 -6.85
CA LEU A 102 -9.33 -20.80 -7.38
C LEU A 102 -9.82 -20.96 -8.79
N GLU A 103 -9.25 -21.91 -9.54
CA GLU A 103 -9.66 -22.17 -10.93
C GLU A 103 -11.16 -22.46 -11.03
N GLU A 104 -11.64 -23.29 -10.11
CA GLU A 104 -13.06 -23.64 -10.07
C GLU A 104 -13.92 -22.47 -9.70
N LYS A 105 -13.64 -21.85 -8.55
CA LYS A 105 -14.39 -20.69 -8.04
C LYS A 105 -14.45 -19.56 -9.10
N LEU A 106 -13.27 -19.08 -9.51
CA LEU A 106 -13.17 -18.00 -10.47
C LEU A 106 -13.68 -18.20 -11.88
N GLU A 107 -13.78 -19.44 -12.35
CA GLU A 107 -14.22 -19.70 -13.73
C GLU A 107 -15.31 -18.80 -14.30
N LYS A 108 -16.41 -18.64 -13.56
CA LYS A 108 -17.52 -17.85 -14.05
C LYS A 108 -17.75 -16.46 -13.42
N GLU A 109 -16.77 -15.96 -12.67
CA GLU A 109 -16.90 -14.67 -12.03
C GLU A 109 -16.43 -13.50 -12.89
N ASP A 110 -16.97 -12.31 -12.64
CA ASP A 110 -16.62 -11.09 -13.38
C ASP A 110 -15.20 -10.76 -13.09
N PHE A 111 -14.37 -11.28 -13.97
CA PHE A 111 -12.93 -11.22 -13.84
C PHE A 111 -12.71 -11.73 -12.45
N THR A 112 -12.26 -10.81 -11.61
CA THR A 112 -12.00 -11.03 -10.22
C THR A 112 -11.26 -9.76 -9.78
N ARG A 113 -10.84 -8.94 -10.77
CA ARG A 113 -10.04 -7.71 -10.52
C ARG A 113 -9.12 -8.15 -9.37
N GLY A 114 -8.62 -9.36 -9.60
CA GLY A 114 -7.80 -10.15 -8.70
C GLY A 114 -7.06 -9.60 -7.52
N LYS A 115 -5.75 -9.76 -7.63
CA LYS A 115 -4.82 -9.34 -6.62
C LYS A 115 -4.73 -7.83 -6.49
N LEU A 116 -5.77 -7.21 -5.92
CA LEU A 116 -5.77 -5.76 -5.70
C LEU A 116 -4.95 -5.55 -4.43
N MET A 117 -5.00 -6.53 -3.53
CA MET A 117 -4.27 -6.51 -2.26
C MET A 117 -2.88 -7.11 -2.49
N SER A 118 -2.87 -8.22 -3.22
CA SER A 118 -1.67 -8.98 -3.54
C SER A 118 -0.66 -8.26 -4.50
N SER A 119 -0.43 -8.85 -5.68
CA SER A 119 0.51 -8.35 -6.72
C SER A 119 1.33 -7.14 -6.29
N LEU A 120 0.79 -5.96 -6.55
CA LEU A 120 1.36 -4.67 -6.20
C LEU A 120 2.53 -4.67 -5.22
N HIS A 121 2.18 -4.66 -3.94
CA HIS A 121 3.18 -4.60 -2.89
C HIS A 121 3.87 -5.89 -2.51
N LEU A 122 3.27 -7.04 -2.79
CA LEU A 122 3.93 -8.30 -2.45
C LEU A 122 5.15 -8.51 -3.31
N LYS A 123 5.06 -8.17 -4.59
CA LYS A 123 6.18 -8.36 -5.49
C LYS A 123 7.41 -7.60 -5.01
N ARG A 124 7.20 -6.33 -4.66
CA ARG A 124 8.30 -5.49 -4.20
C ARG A 124 8.81 -5.97 -2.86
N TYR A 125 7.90 -6.28 -1.95
CA TYR A 125 8.26 -6.77 -0.62
C TYR A 125 9.24 -7.95 -0.71
N TYR A 126 8.91 -8.93 -1.55
CA TYR A 126 9.75 -10.10 -1.70
C TYR A 126 11.04 -9.83 -2.44
N GLY A 127 11.02 -8.79 -3.27
CA GLY A 127 12.21 -8.40 -4.01
C GLY A 127 13.26 -7.98 -2.99
N ARG A 128 12.82 -7.30 -1.93
CA ARG A 128 13.73 -6.85 -0.88
C ARG A 128 14.42 -8.04 -0.22
N ILE A 129 13.61 -9.03 0.11
CA ILE A 129 14.12 -10.24 0.76
C ILE A 129 15.19 -10.86 -0.12
N LEU A 130 14.89 -11.02 -1.41
CA LEU A 130 15.82 -11.59 -2.37
C LEU A 130 17.06 -10.74 -2.53
N HIS A 131 16.86 -9.44 -2.73
CA HIS A 131 17.98 -8.52 -2.85
C HIS A 131 18.86 -8.61 -1.59
N TYR A 132 18.23 -8.69 -0.42
CA TYR A 132 18.94 -8.80 0.84
C TYR A 132 19.81 -10.06 0.84
N LEU A 133 19.23 -11.17 0.41
CA LEU A 133 19.94 -12.44 0.34
C LEU A 133 21.18 -12.35 -0.57
N LYS A 134 20.97 -11.81 -1.76
CA LYS A 134 22.05 -11.68 -2.72
C LYS A 134 23.16 -10.74 -2.18
N ALA A 135 22.74 -9.60 -1.64
CA ALA A 135 23.67 -8.65 -1.11
C ALA A 135 24.53 -9.24 0.02
N LYS A 136 23.94 -10.10 0.84
CA LYS A 136 24.67 -10.74 1.95
C LYS A 136 25.34 -12.02 1.49
N GLU A 137 25.41 -12.26 0.18
CA GLU A 137 26.05 -13.46 -0.36
C GLU A 137 25.57 -14.77 0.29
N TYR A 138 24.27 -14.84 0.56
CA TYR A 138 23.62 -16.03 1.11
C TYR A 138 24.28 -16.58 2.34
N SER A 139 24.73 -15.69 3.21
CA SER A 139 25.38 -16.12 4.43
C SER A 139 24.43 -16.84 5.37
N HIS A 140 25.02 -17.53 6.32
CA HIS A 140 24.27 -18.24 7.32
C HIS A 140 23.35 -17.25 8.11
N CYS A 141 23.87 -16.07 8.41
CA CYS A 141 23.12 -15.05 9.14
C CYS A 141 22.02 -14.50 8.30
N ALA A 142 22.30 -14.32 7.02
CA ALA A 142 21.29 -13.79 6.16
C ALA A 142 20.11 -14.76 6.16
N TRP A 143 20.40 -16.06 6.20
CA TRP A 143 19.34 -17.07 6.19
C TRP A 143 18.59 -17.12 7.50
N THR A 144 19.30 -16.79 8.57
CA THR A 144 18.70 -16.76 9.89
C THR A 144 17.65 -15.63 9.93
N ILE A 145 18.02 -14.46 9.38
CA ILE A 145 17.13 -13.29 9.35
C ILE A 145 15.93 -13.50 8.45
N VAL A 146 16.16 -14.14 7.32
CA VAL A 146 15.08 -14.39 6.39
C VAL A 146 14.10 -15.41 6.98
N ARG A 147 14.64 -16.48 7.56
CA ARG A 147 13.82 -17.53 8.16
C ARG A 147 12.87 -16.91 9.16
N VAL A 148 13.38 -16.01 9.98
CA VAL A 148 12.52 -15.36 10.93
C VAL A 148 11.43 -14.54 10.22
N GLU A 149 11.78 -13.88 9.12
CA GLU A 149 10.79 -13.11 8.39
C GLU A 149 9.77 -14.02 7.72
N ILE A 150 10.22 -15.18 7.26
CA ILE A 150 9.32 -16.12 6.62
C ILE A 150 8.33 -16.63 7.65
N LEU A 151 8.80 -16.91 8.86
CA LEU A 151 7.91 -17.37 9.91
C LEU A 151 6.85 -16.27 10.15
N ARG A 152 7.31 -15.02 10.08
CA ARG A 152 6.44 -13.87 10.26
C ARG A 152 5.36 -13.84 9.19
N ASN A 153 5.73 -14.23 7.96
CA ASN A 153 4.81 -14.31 6.85
C ASN A 153 3.75 -15.33 7.18
N PHE A 154 4.19 -16.47 7.69
CA PHE A 154 3.25 -17.50 8.07
C PHE A 154 2.31 -17.01 9.17
N TYR A 155 2.81 -16.20 10.10
CA TYR A 155 1.93 -15.69 11.12
C TYR A 155 0.76 -14.90 10.48
N PHE A 156 1.03 -14.17 9.39
CA PHE A 156 -0.01 -13.37 8.76
C PHE A 156 -0.89 -14.15 7.81
N ILE A 157 -0.30 -15.15 7.17
CA ILE A 157 -1.08 -16.01 6.29
C ILE A 157 -2.17 -16.69 7.13
N ASN A 158 -1.86 -17.04 8.39
CA ASN A 158 -2.85 -17.66 9.28
C ASN A 158 -3.99 -16.69 9.54
N ARG A 159 -3.65 -15.41 9.64
CA ARG A 159 -4.66 -14.38 9.87
C ARG A 159 -5.51 -14.34 8.61
N LEU A 160 -4.85 -14.35 7.46
CA LEU A 160 -5.57 -14.31 6.18
C LEU A 160 -6.43 -15.55 5.98
N THR A 161 -6.02 -16.67 6.55
CA THR A 161 -6.77 -17.92 6.40
C THR A 161 -8.21 -17.83 7.00
N GLY A 162 -8.40 -16.98 8.00
CA GLY A 162 -9.72 -16.83 8.61
C GLY A 162 -10.75 -16.05 7.80
N TYR A 163 -10.41 -15.61 6.59
CA TYR A 163 -11.36 -14.91 5.72
C TYR A 163 -11.89 -15.90 4.70
N LEU A 164 -11.39 -17.13 4.79
CA LEU A 164 -11.80 -18.22 3.93
C LEU A 164 -12.92 -18.96 4.64
N ARG A 165 -14.02 -18.25 4.90
CA ARG A 165 -15.18 -18.86 5.55
C ARG A 165 -16.28 -18.96 4.51
N ASN A 166 -16.83 -20.17 4.48
CA ASN A 166 -17.85 -20.64 3.57
C ASN A 166 -19.11 -19.83 3.28
N MET B 1 -15.75 -2.66 -3.73
CA MET B 1 -14.99 -3.75 -4.37
C MET B 1 -13.69 -3.19 -5.06
N SER B 2 -12.68 -3.19 -4.19
CA SER B 2 -11.33 -2.71 -4.32
C SER B 2 -11.42 -1.32 -3.71
N TYR B 3 -12.66 -0.92 -3.39
CA TYR B 3 -12.91 0.35 -2.68
C TYR B 3 -12.58 0.20 -1.22
N ASN B 4 -12.63 -1.03 -0.71
CA ASN B 4 -12.24 -1.22 0.68
C ASN B 4 -10.74 -1.15 0.77
N LEU B 5 -10.05 -1.79 -0.16
CA LEU B 5 -8.59 -1.71 -0.09
C LEU B 5 -8.15 -0.28 -0.44
N LEU B 6 -8.84 0.34 -1.38
CA LEU B 6 -8.52 1.71 -1.75
C LEU B 6 -8.64 2.64 -0.59
N GLY B 7 -9.78 2.61 0.10
CA GLY B 7 -10.00 3.46 1.24
C GLY B 7 -8.98 3.18 2.33
N PHE B 8 -8.55 1.93 2.45
CA PHE B 8 -7.56 1.57 3.45
C PHE B 8 -6.30 2.28 3.05
N LEU B 9 -5.87 2.09 1.80
CA LEU B 9 -4.66 2.73 1.28
C LEU B 9 -4.80 4.23 1.37
N GLN B 10 -6.01 4.75 1.22
CA GLN B 10 -6.19 6.18 1.30
C GLN B 10 -6.04 6.72 2.71
N ARG B 11 -6.53 6.01 3.72
CA ARG B 11 -6.37 6.50 5.10
C ARG B 11 -4.88 6.53 5.48
N SER B 12 -4.17 5.52 5.00
CA SER B 12 -2.74 5.33 5.20
C SER B 12 -1.94 6.52 4.64
N SER B 13 -2.30 6.92 3.42
CA SER B 13 -1.71 8.06 2.72
C SER B 13 -2.08 9.39 3.41
N ASN B 14 -3.35 9.55 3.77
CA ASN B 14 -3.79 10.75 4.46
C ASN B 14 -2.95 10.92 5.73
N PHE B 15 -2.71 9.84 6.46
CA PHE B 15 -1.95 9.94 7.69
C PHE B 15 -0.54 10.36 7.49
N GLN B 16 0.16 9.66 6.62
CA GLN B 16 1.54 9.97 6.35
C GLN B 16 1.72 11.40 5.85
N CYS B 17 0.90 11.80 4.88
CA CYS B 17 1.01 13.13 4.28
C CYS B 17 0.78 14.22 5.28
N GLN B 18 -0.21 14.03 6.14
CA GLN B 18 -0.49 15.05 7.11
C GLN B 18 0.60 15.12 8.13
N LYS B 19 1.04 13.96 8.55
CA LYS B 19 2.09 13.88 9.54
C LYS B 19 3.30 14.62 9.07
N LEU B 20 3.67 14.39 7.81
CA LEU B 20 4.82 15.02 7.18
C LEU B 20 4.60 16.55 7.09
N LEU B 21 3.44 16.96 6.58
CA LEU B 21 3.15 18.37 6.45
C LEU B 21 3.26 19.09 7.76
N TRP B 22 2.74 18.48 8.81
CA TRP B 22 2.79 19.06 10.13
C TRP B 22 4.21 19.16 10.67
N GLN B 23 5.06 18.23 10.25
CA GLN B 23 6.46 18.14 10.69
C GLN B 23 7.28 19.31 10.30
N LEU B 24 7.14 19.70 9.03
CA LEU B 24 7.87 20.82 8.45
C LEU B 24 7.89 22.09 9.30
N ASN B 25 9.09 22.56 9.59
CA ASN B 25 9.28 23.79 10.33
C ASN B 25 10.50 24.39 9.65
N GLY B 26 10.57 25.71 9.59
CA GLY B 26 11.69 26.30 8.90
C GLY B 26 12.72 27.01 9.74
N ARG B 27 13.54 27.79 9.05
CA ARG B 27 14.58 28.60 9.66
C ARG B 27 13.89 29.75 10.41
N CYS B 31 6.73 37.59 8.61
CA CYS B 31 6.14 37.41 7.25
C CYS B 31 5.18 38.50 6.80
N LEU B 32 5.09 38.65 5.48
CA LEU B 32 4.23 39.63 4.85
C LEU B 32 2.72 39.49 5.17
N LYS B 33 2.23 38.25 5.32
CA LYS B 33 0.81 38.04 5.57
C LYS B 33 0.45 36.96 6.60
N ASP B 34 0.67 35.70 6.21
CA ASP B 34 0.37 34.48 7.02
C ASP B 34 -1.03 33.88 6.81
N ARG B 35 -1.87 34.61 6.08
CA ARG B 35 -3.22 34.15 5.78
C ARG B 35 -3.67 34.78 4.45
N MET B 36 -4.22 33.96 3.55
CA MET B 36 -4.76 34.41 2.26
C MET B 36 -5.94 33.51 1.86
N ASN B 37 -6.95 34.14 1.27
CA ASN B 37 -8.16 33.45 0.82
C ASN B 37 -7.96 33.11 -0.65
N PHE B 38 -8.08 31.83 -0.99
CA PHE B 38 -7.91 31.41 -2.38
C PHE B 38 -9.22 30.95 -2.96
N ASP B 39 -10.29 31.23 -2.21
CA ASP B 39 -11.66 30.91 -2.60
C ASP B 39 -11.83 29.43 -2.79
N ILE B 40 -11.74 28.69 -1.69
CA ILE B 40 -11.90 27.24 -1.73
C ILE B 40 -13.20 26.93 -2.44
N PRO B 41 -13.12 26.19 -3.57
CA PRO B 41 -14.31 25.83 -4.35
C PRO B 41 -15.45 25.30 -3.49
N GLU B 42 -16.67 25.76 -3.77
CA GLU B 42 -17.82 25.31 -3.01
C GLU B 42 -17.79 23.79 -3.03
N GLU B 43 -17.44 23.27 -4.21
CA GLU B 43 -17.32 21.83 -4.49
C GLU B 43 -16.61 21.01 -3.40
N ILE B 44 -15.52 21.58 -2.88
CA ILE B 44 -14.67 20.98 -1.85
C ILE B 44 -15.19 21.15 -0.45
N LYS B 45 -15.67 22.34 -0.13
CA LYS B 45 -16.21 22.56 1.20
C LYS B 45 -17.71 22.24 1.20
N GLN B 46 -18.20 21.70 0.08
CA GLN B 46 -19.61 21.30 -0.15
C GLN B 46 -19.93 20.09 0.72
N LEU B 47 -20.88 20.24 1.63
CA LEU B 47 -21.26 19.12 2.48
C LEU B 47 -22.46 18.45 1.78
N GLN B 48 -22.20 17.31 1.15
CA GLN B 48 -23.20 16.53 0.40
C GLN B 48 -22.71 15.09 0.42
N GLN B 49 -23.54 14.12 0.06
CA GLN B 49 -23.06 12.74 0.06
C GLN B 49 -22.47 12.38 -1.28
N PHE B 50 -21.14 12.29 -1.32
CA PHE B 50 -20.43 11.92 -2.52
C PHE B 50 -20.53 10.39 -2.69
N GLN B 51 -20.92 9.93 -3.87
CA GLN B 51 -20.97 8.49 -4.10
C GLN B 51 -19.51 8.08 -4.11
N LYS B 52 -19.22 6.84 -3.75
CA LYS B 52 -17.83 6.41 -3.71
C LYS B 52 -17.01 6.74 -4.96
N GLU B 53 -17.63 6.81 -6.13
CA GLU B 53 -16.88 7.11 -7.35
C GLU B 53 -16.51 8.58 -7.48
N ASP B 54 -17.37 9.46 -6.99
CA ASP B 54 -17.09 10.88 -7.05
C ASP B 54 -16.16 11.31 -5.95
N ALA B 55 -16.23 10.64 -4.80
CA ALA B 55 -15.35 10.97 -3.68
C ALA B 55 -13.92 10.75 -4.15
N ALA B 56 -13.68 9.65 -4.87
CA ALA B 56 -12.34 9.31 -5.37
C ALA B 56 -11.94 10.18 -6.52
N LEU B 57 -12.91 10.66 -7.30
CA LEU B 57 -12.61 11.53 -8.41
C LEU B 57 -12.08 12.86 -7.86
N THR B 58 -12.84 13.46 -6.97
CA THR B 58 -12.46 14.70 -6.32
C THR B 58 -11.10 14.51 -5.64
N ILE B 59 -10.95 13.45 -4.87
CA ILE B 59 -9.68 13.16 -4.17
C ILE B 59 -8.54 13.06 -5.17
N TYR B 60 -8.79 12.40 -6.29
CA TYR B 60 -7.80 12.23 -7.35
C TYR B 60 -7.37 13.60 -7.90
N GLU B 61 -8.36 14.45 -8.20
CA GLU B 61 -8.08 15.77 -8.75
C GLU B 61 -7.33 16.59 -7.74
N MET B 62 -7.74 16.54 -6.46
CA MET B 62 -7.05 17.28 -5.39
C MET B 62 -5.57 16.90 -5.24
N LEU B 63 -5.29 15.60 -5.19
CA LEU B 63 -3.92 15.14 -5.06
C LEU B 63 -3.02 15.43 -6.27
N GLN B 64 -3.53 15.29 -7.47
CA GLN B 64 -2.74 15.55 -8.67
C GLN B 64 -2.20 16.96 -8.55
N ASN B 65 -3.08 17.88 -8.14
CA ASN B 65 -2.72 19.28 -7.96
C ASN B 65 -1.79 19.56 -6.80
N ILE B 66 -2.03 18.92 -5.66
CA ILE B 66 -1.19 19.09 -4.48
C ILE B 66 0.23 18.66 -4.83
N PHE B 67 0.31 17.61 -5.64
CA PHE B 67 1.59 17.08 -6.08
C PHE B 67 2.34 18.18 -6.83
N ALA B 68 1.71 18.71 -7.88
CA ALA B 68 2.29 19.79 -8.71
C ALA B 68 2.77 20.96 -7.88
N ILE B 69 2.03 21.26 -6.81
CA ILE B 69 2.38 22.35 -5.92
C ILE B 69 3.65 22.05 -5.15
N PHE B 70 3.71 20.92 -4.45
CA PHE B 70 4.92 20.64 -3.72
C PHE B 70 6.12 20.31 -4.55
N ARG B 71 5.87 20.19 -5.86
CA ARG B 71 6.89 19.90 -6.87
C ARG B 71 7.70 21.16 -7.16
N GLN B 72 7.08 22.33 -6.94
CA GLN B 72 7.73 23.62 -7.16
C GLN B 72 8.91 23.84 -6.21
N ASP B 73 9.76 24.82 -6.51
CA ASP B 73 10.95 25.09 -5.70
C ASP B 73 10.63 25.63 -4.31
N SER B 74 11.05 24.87 -3.29
CA SER B 74 10.86 25.23 -1.88
C SER B 74 12.19 25.38 -1.14
N SER B 75 13.31 25.50 -1.87
CA SER B 75 14.65 25.61 -1.26
C SER B 75 14.83 26.83 -0.35
N SER B 76 13.91 27.78 -0.46
CA SER B 76 13.97 28.98 0.35
C SER B 76 13.32 28.86 1.72
N THR B 77 12.60 27.76 1.95
CA THR B 77 11.90 27.51 3.21
C THR B 77 12.80 26.98 4.32
N GLY B 78 13.84 26.28 3.91
CA GLY B 78 14.75 25.69 4.85
C GLY B 78 14.19 24.35 5.25
N TRP B 79 13.02 23.98 4.72
CA TRP B 79 12.45 22.68 5.07
C TRP B 79 13.37 21.57 4.65
N ASN B 80 13.29 20.49 5.42
CA ASN B 80 14.07 19.28 5.17
C ASN B 80 13.58 18.71 3.84
N GLU B 81 14.41 18.78 2.81
CA GLU B 81 14.01 18.26 1.50
C GLU B 81 13.65 16.78 1.53
N THR B 82 14.25 16.02 2.43
CA THR B 82 13.96 14.58 2.53
C THR B 82 12.47 14.35 2.84
N ILE B 83 11.94 15.12 3.78
CA ILE B 83 10.54 15.04 4.13
C ILE B 83 9.65 15.39 2.92
N VAL B 84 10.00 16.47 2.20
CA VAL B 84 9.25 16.85 1.02
C VAL B 84 9.36 15.73 -0.01
N GLU B 85 10.52 15.12 -0.14
CA GLU B 85 10.68 14.04 -1.10
C GLU B 85 9.74 12.89 -0.78
N ASN B 86 9.58 12.61 0.51
CA ASN B 86 8.71 11.54 0.98
C ASN B 86 7.23 11.84 0.76
N LEU B 87 6.85 13.08 1.05
CA LEU B 87 5.49 13.54 0.91
C LEU B 87 5.05 13.38 -0.52
N LEU B 88 5.91 13.81 -1.45
CA LEU B 88 5.60 13.73 -2.88
C LEU B 88 5.57 12.28 -3.36
N ALA B 89 6.43 11.46 -2.78
CA ALA B 89 6.47 10.06 -3.14
C ALA B 89 5.14 9.45 -2.80
N ASN B 90 4.71 9.70 -1.56
CA ASN B 90 3.47 9.17 -1.05
C ASN B 90 2.29 9.63 -1.89
N VAL B 91 2.18 10.93 -2.10
CA VAL B 91 1.12 11.51 -2.91
C VAL B 91 1.07 10.82 -4.28
N TYR B 92 2.25 10.70 -4.90
CA TYR B 92 2.38 10.10 -6.22
C TYR B 92 1.86 8.64 -6.25
N HIS B 93 2.36 7.82 -5.33
CA HIS B 93 1.96 6.43 -5.26
C HIS B 93 0.43 6.29 -5.08
N GLN B 94 -0.18 7.22 -4.33
CA GLN B 94 -1.63 7.18 -4.09
C GLN B 94 -2.43 7.69 -5.29
N ILE B 95 -1.94 8.69 -5.99
CA ILE B 95 -2.66 9.16 -7.17
C ILE B 95 -2.86 7.95 -8.08
N ASN B 96 -1.86 7.06 -8.10
CA ASN B 96 -1.91 5.86 -8.91
C ASN B 96 -3.00 4.86 -8.50
N HIS B 97 -3.11 4.54 -7.21
CA HIS B 97 -4.14 3.59 -6.74
C HIS B 97 -5.51 4.10 -7.16
N LEU B 98 -5.71 5.40 -6.97
CA LEU B 98 -6.96 6.04 -7.33
C LEU B 98 -7.23 5.85 -8.81
N LYS B 99 -6.18 6.06 -9.61
CA LYS B 99 -6.24 5.94 -11.07
C LYS B 99 -6.68 4.54 -11.43
N THR B 100 -6.01 3.54 -10.84
CA THR B 100 -6.33 2.12 -11.06
C THR B 100 -7.81 1.81 -10.87
N VAL B 101 -8.36 2.31 -9.77
CA VAL B 101 -9.75 2.09 -9.45
C VAL B 101 -10.72 2.91 -10.30
N LEU B 102 -10.41 4.18 -10.53
CA LEU B 102 -11.29 5.02 -11.34
C LEU B 102 -11.41 4.46 -12.75
N GLU B 103 -10.30 3.93 -13.26
CA GLU B 103 -10.22 3.35 -14.60
C GLU B 103 -11.13 2.16 -14.79
N GLU B 104 -11.36 1.41 -13.71
CA GLU B 104 -12.19 0.22 -13.75
C GLU B 104 -13.63 0.45 -14.20
N LYS B 105 -14.23 1.53 -13.72
CA LYS B 105 -15.59 1.85 -14.13
C LYS B 105 -15.58 3.16 -14.89
N LEU B 106 -14.45 3.42 -15.57
CA LEU B 106 -14.26 4.63 -16.35
C LEU B 106 -15.42 4.94 -17.28
N GLU B 107 -16.09 3.92 -17.81
CA GLU B 107 -17.21 4.13 -18.73
C GLU B 107 -18.60 4.28 -18.10
N LYS B 108 -18.76 3.86 -16.84
CA LYS B 108 -20.05 3.93 -16.13
C LYS B 108 -20.47 5.31 -15.65
N GLU B 109 -19.57 6.29 -15.76
CA GLU B 109 -19.84 7.66 -15.36
C GLU B 109 -20.12 8.54 -16.59
N ASP B 110 -20.97 9.55 -16.46
CA ASP B 110 -21.27 10.42 -17.60
C ASP B 110 -20.87 11.88 -17.41
N PHE B 111 -20.55 12.52 -18.51
CA PHE B 111 -20.15 13.92 -18.53
C PHE B 111 -21.35 14.72 -18.00
N THR B 112 -21.25 15.20 -16.76
CA THR B 112 -22.32 15.99 -16.17
C THR B 112 -21.78 17.35 -15.85
N ARG B 113 -22.67 18.30 -15.64
CA ARG B 113 -22.24 19.64 -15.30
C ARG B 113 -21.64 19.67 -13.91
N GLY B 114 -22.06 18.75 -13.06
CA GLY B 114 -21.50 18.70 -11.72
C GLY B 114 -20.02 18.37 -11.85
N LYS B 115 -19.72 17.42 -12.73
CA LYS B 115 -18.34 17.00 -12.95
C LYS B 115 -17.50 18.05 -13.69
N LEU B 116 -18.10 18.63 -14.73
CA LEU B 116 -17.49 19.67 -15.51
C LEU B 116 -17.10 20.82 -14.60
N MET B 117 -18.09 21.36 -13.86
CA MET B 117 -17.86 22.48 -12.94
C MET B 117 -16.92 22.18 -11.78
N SER B 118 -16.89 20.92 -11.32
CA SER B 118 -16.01 20.53 -10.23
C SER B 118 -14.54 20.51 -10.69
N SER B 119 -14.28 19.93 -11.86
CA SER B 119 -12.93 19.86 -12.42
C SER B 119 -12.38 21.27 -12.71
N LEU B 120 -13.19 22.12 -13.36
CA LEU B 120 -12.77 23.49 -13.67
C LEU B 120 -12.59 24.32 -12.40
N HIS B 121 -13.53 24.33 -11.48
CA HIS B 121 -13.31 25.09 -10.25
C HIS B 121 -12.07 24.64 -9.46
N LEU B 122 -11.81 23.33 -9.42
CA LEU B 122 -10.65 22.81 -8.69
C LEU B 122 -9.42 23.20 -9.43
N LYS B 123 -9.45 23.08 -10.76
CA LYS B 123 -8.28 23.47 -11.54
C LYS B 123 -7.91 24.93 -11.31
N ARG B 124 -8.90 25.81 -11.28
CA ARG B 124 -8.67 27.24 -11.06
C ARG B 124 -8.27 27.58 -9.63
N TYR B 125 -8.75 26.81 -8.67
CA TYR B 125 -8.41 27.07 -7.27
C TYR B 125 -6.91 26.82 -7.10
N TYR B 126 -6.47 25.61 -7.44
CA TYR B 126 -5.05 25.29 -7.35
C TYR B 126 -4.31 26.21 -8.29
N GLY B 127 -5.01 26.69 -9.31
CA GLY B 127 -4.43 27.64 -10.23
C GLY B 127 -4.03 28.88 -9.46
N ARG B 128 -4.94 29.51 -8.74
CA ARG B 128 -4.65 30.72 -7.95
C ARG B 128 -3.52 30.47 -6.96
N ILE B 129 -3.51 29.27 -6.38
CA ILE B 129 -2.47 28.87 -5.45
C ILE B 129 -1.08 28.89 -6.16
N LEU B 130 -0.96 28.21 -7.29
CA LEU B 130 0.30 28.17 -8.04
C LEU B 130 0.71 29.58 -8.46
N HIS B 131 -0.26 30.38 -8.90
CA HIS B 131 0.02 31.74 -9.32
C HIS B 131 0.60 32.56 -8.16
N TYR B 132 0.13 32.32 -6.93
CA TYR B 132 0.60 33.06 -5.74
C TYR B 132 2.04 32.71 -5.41
N LEU B 133 2.40 31.46 -5.58
CA LEU B 133 3.75 31.07 -5.30
C LEU B 133 4.68 31.78 -6.27
N LYS B 134 4.31 31.74 -7.55
CA LYS B 134 5.07 32.34 -8.64
C LYS B 134 5.24 33.84 -8.42
N ALA B 135 4.15 34.55 -8.19
CA ALA B 135 4.21 35.98 -7.94
C ALA B 135 5.11 36.29 -6.74
N LYS B 136 5.02 35.46 -5.69
CA LYS B 136 5.84 35.64 -4.49
C LYS B 136 7.25 35.05 -4.63
N GLU B 137 7.62 34.73 -5.86
CA GLU B 137 8.94 34.14 -6.18
C GLU B 137 9.34 32.95 -5.30
N TYR B 138 8.35 32.17 -4.89
CA TYR B 138 8.59 30.99 -4.07
C TYR B 138 9.31 31.32 -2.78
N SER B 139 8.84 32.39 -2.13
CA SER B 139 9.43 32.82 -0.87
C SER B 139 9.09 31.88 0.27
N HIS B 140 9.81 32.00 1.38
CA HIS B 140 9.55 31.18 2.54
C HIS B 140 8.17 31.59 3.06
N CYS B 141 7.83 32.87 2.95
CA CYS B 141 6.55 33.37 3.45
C CYS B 141 5.31 33.03 2.61
N ALA B 142 5.53 32.65 1.36
CA ALA B 142 4.44 32.28 0.46
C ALA B 142 4.19 30.81 0.76
N TRP B 143 5.28 30.06 0.88
CA TRP B 143 5.21 28.62 1.16
C TRP B 143 4.49 28.23 2.47
N THR B 144 4.65 29.08 3.49
CA THR B 144 4.03 28.88 4.78
C THR B 144 2.54 28.99 4.57
N ILE B 145 2.14 30.03 3.85
CA ILE B 145 0.74 30.28 3.54
C ILE B 145 0.17 29.13 2.72
N VAL B 146 0.97 28.58 1.80
CA VAL B 146 0.52 27.48 0.96
C VAL B 146 0.38 26.19 1.75
N ARG B 147 1.33 25.90 2.63
CA ARG B 147 1.28 24.70 3.45
C ARG B 147 -0.01 24.67 4.28
N VAL B 148 -0.34 25.79 4.91
CA VAL B 148 -1.53 25.88 5.71
C VAL B 148 -2.76 25.61 4.85
N GLU B 149 -2.74 26.09 3.61
CA GLU B 149 -3.88 25.89 2.70
C GLU B 149 -4.04 24.41 2.39
N ILE B 150 -2.93 23.75 2.11
CA ILE B 150 -2.95 22.34 1.81
C ILE B 150 -3.39 21.51 3.01
N LEU B 151 -2.96 21.88 4.20
CA LEU B 151 -3.39 21.16 5.39
C LEU B 151 -4.90 21.30 5.49
N ARG B 152 -5.42 22.47 5.17
CA ARG B 152 -6.86 22.66 5.22
C ARG B 152 -7.50 21.77 4.15
N ASN B 153 -6.80 21.58 3.02
CA ASN B 153 -7.30 20.75 1.92
C ASN B 153 -7.49 19.37 2.41
N PHE B 154 -6.54 18.88 3.21
CA PHE B 154 -6.62 17.55 3.77
C PHE B 154 -7.77 17.33 4.76
N TYR B 155 -8.29 18.39 5.35
CA TYR B 155 -9.41 18.22 6.25
C TYR B 155 -10.55 17.70 5.40
N PHE B 156 -10.67 18.22 4.18
CA PHE B 156 -11.72 17.80 3.26
C PHE B 156 -11.37 16.42 2.67
N ILE B 157 -10.08 16.16 2.47
CA ILE B 157 -9.67 14.87 1.94
C ILE B 157 -10.04 13.77 2.94
N ASN B 158 -9.89 14.04 4.24
CA ASN B 158 -10.28 13.07 5.28
C ASN B 158 -11.76 12.77 5.14
N ARG B 159 -12.57 13.82 5.13
CA ARG B 159 -14.03 13.69 5.02
C ARG B 159 -14.45 12.86 3.81
N LEU B 160 -13.87 13.17 2.65
CA LEU B 160 -14.19 12.45 1.41
C LEU B 160 -13.73 11.00 1.44
N THR B 161 -12.59 10.75 2.08
CA THR B 161 -12.04 9.39 2.20
C THR B 161 -12.99 8.47 2.95
N GLY B 162 -13.93 9.08 3.68
CA GLY B 162 -14.92 8.32 4.43
C GLY B 162 -15.99 7.76 3.51
N TYR B 163 -15.96 8.15 2.24
CA TYR B 163 -16.93 7.66 1.29
C TYR B 163 -16.34 6.54 0.42
N LEU B 164 -15.07 6.25 0.66
CA LEU B 164 -14.31 5.24 -0.06
C LEU B 164 -14.52 3.86 0.52
N ARG B 165 -15.72 3.33 0.38
CA ARG B 165 -16.01 2.02 0.97
C ARG B 165 -17.07 1.28 0.19
N ASN B 166 -17.06 -0.02 0.44
CA ASN B 166 -17.98 -0.98 -0.14
C ASN B 166 -17.52 -1.55 -1.48
C2 BGC C . 19.10 -35.38 9.40
C3 BGC C . 18.49 -36.83 9.39
C4 BGC C . 16.95 -36.62 9.60
C5 BGC C . 16.36 -35.93 8.39
C6 BGC C . 15.41 -34.89 8.97
C1 BGC C . 18.37 -34.61 8.25
O2 BGC C . 20.49 -35.33 9.08
O3 BGC C . 18.93 -37.60 10.50
O4 BGC C . 16.32 -37.85 9.96
O5 BGC C . 17.32 -35.31 7.57
O6 BGC C . 14.16 -34.86 8.36
HO3 BGC C . 18.11 -38.01 10.74
C2 BGC C . 15.51 -40.05 10.28
C3 BGC C . 15.51 -41.43 9.65
C4 BGC C . 15.05 -41.53 8.16
C5 BGC C . 14.94 -40.13 7.37
C6 BGC C . 13.44 -39.68 7.34
C1 BGC C . 16.26 -39.11 9.28
O2 BGC C . 16.31 -40.14 11.46
O3 BGC C . 14.71 -42.26 10.48
O4 BGC C . 16.00 -42.46 7.56
O5 BGC C . 15.80 -39.10 7.91
O6 BGC C . 12.89 -39.37 6.06
HO3 BGC C . 13.82 -42.33 10.09
C2 BGC C . 15.15 -44.78 8.29
C3 BGC C . 14.88 -46.22 7.68
C4 BGC C . 14.86 -46.44 6.09
C5 BGC C . 14.58 -45.10 5.24
C6 BGC C . 13.16 -45.28 4.60
C1 BGC C . 15.57 -43.79 7.14
O2 BGC C . 16.31 -44.81 9.12
O3 BGC C . 13.61 -46.78 8.16
O4 BGC C . 16.18 -46.97 5.92
O5 BGC C . 14.70 -43.86 5.99
O6 BGC C . 13.17 -46.16 3.50
HO2 BGC C . 15.98 -44.84 10.02
HO4 BGC C . 16.16 -47.36 5.07
C2 BGC C . 14.58 -47.32 10.44
C3 BGC C . 14.76 -46.43 11.74
C4 BGC C . 13.87 -45.13 11.85
C5 BGC C . 12.38 -45.39 11.33
C6 BGC C . 11.59 -44.04 11.39
C1 BGC C . 13.32 -46.91 9.56
O2 BGC C . 14.51 -48.76 10.54
O3 BGC C . 16.14 -46.05 11.79
O4 BGC C . 13.93 -44.90 13.26
O5 BGC C . 12.36 -45.92 9.99
O6 BGC C . 11.96 -43.04 10.45
HO4 BGC C . 13.17 -45.36 13.57
C2 BGC C . 14.82 -50.42 12.46
C3 BGC C . 13.97 -51.05 13.61
C4 BGC C . 13.15 -50.00 14.44
C5 BGC C . 12.18 -49.19 13.48
C6 BGC C . 11.92 -47.80 14.08
C1 BGC C . 13.89 -49.50 11.61
O2 BGC C . 15.29 -51.39 11.54
O3 BGC C . 14.82 -51.73 14.52
O4 BGC C . 12.55 -50.66 15.59
O5 BGC C . 12.72 -48.91 12.20
O6 BGC C . 10.67 -47.30 13.63
HO3 BGC C . 14.35 -51.61 15.36
C2 BGC C . 10.63 -51.88 16.63
C3 BGC C . 9.99 -51.72 18.08
C4 BGC C . 8.96 -50.55 18.14
C5 BGC C . 9.50 -49.22 17.41
C6 BGC C . 9.46 -48.01 18.41
C1 BGC C . 11.17 -50.50 16.04
O2 BGC C . 9.58 -52.16 15.71
O3 BGC C . 10.96 -51.43 19.06
O4 BGC C . 7.75 -51.07 17.61
O5 BGC C . 10.86 -49.39 16.92
O6 BGC C . 8.19 -47.49 18.73
HO2 BGC C . 8.83 -51.67 16.08
HO3 BGC C . 11.10 -50.52 18.92
C1 G6D C . 13.19 -35.88 8.69
O2 G6D C . 11.68 -34.43 7.46
C2 G6D C . 11.69 -35.62 8.26
C3 G6D C . 10.90 -35.13 9.50
O3 G6D C . 9.53 -35.48 9.33
C4 G6D C . 11.33 -35.59 10.90
O4 G6D C . 10.88 -34.54 11.67
C5 G6D C . 12.83 -35.69 11.02
O5 G6D C . 13.30 -36.49 9.95
C6 G6D C . 13.28 -36.32 12.34
HO2 G6D C . 10.78 -34.18 7.42
HO3 G6D C . 9.23 -35.54 10.24
HO4 G6D C . 11.54 -33.86 11.58
C2 BGC D . 17.02 15.39 8.72
C3 BGC D . 17.80 14.05 8.69
C4 BGC D . 16.88 12.83 8.66
C5 BGC D . 15.88 12.95 7.51
C6 BGC D . 14.63 12.46 8.13
C1 BGC D . 16.07 15.47 7.42
O2 BGC D . 17.91 16.47 8.57
O3 BGC D . 18.58 13.85 9.84
O4 BGC D . 17.69 11.65 8.62
O5 BGC D . 15.35 14.25 7.17
O6 BGC D . 14.13 11.27 7.61
HO3 BGC D . 18.54 12.89 9.84
C1 G6D D . 13.15 10.79 8.51
O2 G6D D . 11.38 11.65 7.10
C2 G6D D . 11.61 10.70 8.12
C3 G6D D . 10.78 11.20 9.33
O3 G6D D . 9.47 10.72 9.13
C4 G6D D . 11.30 10.77 10.76
O4 G6D D . 10.44 11.45 11.65
C5 G6D D . 12.79 11.24 10.89
O5 G6D D . 13.56 10.58 9.89
C6 G6D D . 13.43 10.86 12.25
HO2 G6D D . 10.44 11.65 7.05
HO3 G6D D . 9.18 10.55 10.04
HO4 G6D D . 10.91 12.26 11.82
ZN ZN E . 0.77 0.88 -3.99
#